data_6QFJ
#
_entry.id   6QFJ
#
_cell.length_a   46.973
_cell.length_b   47.070
_cell.length_c   74.626
_cell.angle_alpha   74.19
_cell.angle_beta   84.86
_cell.angle_gamma   84.21
#
_symmetry.space_group_name_H-M   'P 1'
#
loop_
_entity.id
_entity.type
_entity.pdbx_description
1 polymer 'Magnetosome membrane protein MamB, putative Co/Zn/Cd cation transporter. Cation diffusion facilitator family'
2 water water
#
_entity_poly.entity_id   1
_entity_poly.type   'polypeptide(L)'
_entity_poly.pdbx_seq_one_letter_code
;SHMEDYIEAIANVLEKTPSISDVKDIIARELGQVLEFEIDLYVPPDITVTTGERIKKEVNQIIKEIVDRKSTVKVRLFAA
QEEL
;
_entity_poly.pdbx_strand_id   A,B,C,D,E,F
#
# COMPACT_ATOMS: atom_id res chain seq x y z
N SER A 1 -17.27 13.32 9.60
CA SER A 1 -17.23 14.00 8.27
C SER A 1 -15.84 14.05 7.58
N HIS A 2 -14.79 14.32 8.33
CA HIS A 2 -13.44 14.15 7.80
C HIS A 2 -13.28 12.65 7.44
N MET A 3 -14.17 11.82 7.98
CA MET A 3 -14.16 10.40 7.72
C MET A 3 -14.49 10.18 6.24
N GLU A 4 -15.49 10.90 5.73
N GLU A 4 -15.48 10.90 5.74
CA GLU A 4 -15.88 10.74 4.32
CA GLU A 4 -15.84 10.77 4.31
C GLU A 4 -14.77 11.25 3.38
C GLU A 4 -14.74 11.24 3.39
N ASP A 5 -13.99 12.24 3.84
CA ASP A 5 -12.87 12.77 3.06
C ASP A 5 -11.78 11.74 2.86
N TYR A 6 -11.48 11.03 3.95
CA TYR A 6 -10.53 9.97 3.91
C TYR A 6 -10.97 8.81 2.98
N ILE A 7 -12.22 8.38 3.13
CA ILE A 7 -12.78 7.31 2.32
C ILE A 7 -12.67 7.62 0.81
N GLU A 8 -12.99 8.86 0.44
CA GLU A 8 -12.93 9.28 -0.93
C GLU A 8 -11.51 9.26 -1.49
N ALA A 9 -10.52 9.70 -0.69
CA ALA A 9 -9.19 9.69 -1.18
C ALA A 9 -8.68 8.22 -1.28
N ILE A 10 -8.98 7.43 -0.26
CA ILE A 10 -8.64 6.00 -0.28
C ILE A 10 -9.22 5.30 -1.53
N ALA A 11 -10.48 5.53 -1.83
CA ALA A 11 -11.12 4.96 -3.01
C ALA A 11 -10.46 5.45 -4.26
N ASN A 12 -10.08 6.72 -4.30
CA ASN A 12 -9.42 7.26 -5.49
C ASN A 12 -8.12 6.53 -5.72
N VAL A 13 -7.37 6.24 -4.66
CA VAL A 13 -6.09 5.55 -4.85
C VAL A 13 -6.29 4.14 -5.29
N LEU A 14 -7.17 3.44 -4.59
CA LEU A 14 -7.36 2.01 -4.80
C LEU A 14 -7.86 1.76 -6.23
N GLU A 15 -8.71 2.64 -6.74
CA GLU A 15 -9.17 2.55 -8.11
C GLU A 15 -8.05 2.56 -9.14
N LYS A 16 -6.96 3.21 -8.81
CA LYS A 16 -5.87 3.38 -9.72
C LYS A 16 -4.72 2.45 -9.35
N THR A 17 -4.95 1.53 -8.42
CA THR A 17 -3.87 0.63 -8.01
C THR A 17 -3.99 -0.63 -8.88
N PRO A 18 -2.98 -0.87 -9.74
CA PRO A 18 -3.14 -1.97 -10.70
C PRO A 18 -3.31 -3.40 -10.14
N SER A 19 -2.84 -3.69 -8.94
CA SER A 19 -3.02 -5.04 -8.40
C SER A 19 -4.46 -5.39 -7.93
N ILE A 20 -5.32 -4.38 -7.94
CA ILE A 20 -6.68 -4.47 -7.43
C ILE A 20 -7.61 -4.35 -8.59
N SER A 21 -8.52 -5.34 -8.75
CA SER A 21 -9.50 -5.26 -9.87
C SER A 21 -10.58 -4.24 -9.62
N ASP A 22 -11.04 -4.14 -8.40
CA ASP A 22 -12.12 -3.18 -8.03
C ASP A 22 -12.25 -3.13 -6.52
N VAL A 23 -12.88 -2.08 -6.04
CA VAL A 23 -13.21 -1.91 -4.64
C VAL A 23 -14.58 -2.51 -4.45
N LYS A 24 -14.69 -3.45 -3.54
CA LYS A 24 -15.99 -4.01 -3.21
C LYS A 24 -16.70 -3.20 -2.14
N ASP A 25 -15.99 -2.78 -1.13
CA ASP A 25 -16.55 -1.97 -0.06
C ASP A 25 -15.50 -1.38 0.82
N ILE A 26 -15.78 -0.18 1.31
CA ILE A 26 -14.91 0.51 2.29
C ILE A 26 -15.78 0.95 3.43
N ILE A 27 -15.45 0.47 4.63
CA ILE A 27 -16.16 0.93 5.83
C ILE A 27 -15.18 1.55 6.77
N ALA A 28 -15.60 2.58 7.49
CA ALA A 28 -14.77 3.23 8.54
C ALA A 28 -15.59 3.54 9.77
N ARG A 29 -15.02 3.33 10.95
CA ARG A 29 -15.66 3.84 12.13
C ARG A 29 -14.65 4.33 13.13
N GLU A 30 -15.14 5.11 14.08
CA GLU A 30 -14.29 5.69 15.09
C GLU A 30 -14.40 4.85 16.33
N LEU A 31 -13.26 4.46 16.85
CA LEU A 31 -13.15 3.88 18.15
C LEU A 31 -12.22 4.76 19.02
N GLY A 32 -12.82 5.65 19.86
CA GLY A 32 -12.10 6.73 20.46
C GLY A 32 -11.38 7.51 19.36
N GLN A 33 -10.08 7.68 19.52
CA GLN A 33 -9.27 8.43 18.63
C GLN A 33 -8.74 7.56 17.48
N VAL A 34 -9.12 6.29 17.43
CA VAL A 34 -8.63 5.36 16.42
C VAL A 34 -9.67 5.23 15.35
N LEU A 35 -9.28 5.42 14.10
CA LEU A 35 -10.10 5.09 12.98
C LEU A 35 -9.89 3.64 12.52
N GLU A 36 -10.98 2.90 12.52
CA GLU A 36 -10.99 1.51 12.05
C GLU A 36 -11.51 1.40 10.63
N PHE A 37 -10.69 0.85 9.76
CA PHE A 37 -11.10 0.66 8.36
C PHE A 37 -11.24 -0.82 8.03
N GLU A 38 -12.34 -1.15 7.35
CA GLU A 38 -12.57 -2.47 6.75
C GLU A 38 -12.65 -2.29 5.29
N ILE A 39 -11.71 -2.89 4.59
CA ILE A 39 -11.60 -2.73 3.17
C ILE A 39 -11.78 -4.09 2.48
N ASP A 40 -12.81 -4.17 1.61
CA ASP A 40 -13.03 -5.35 0.79
C ASP A 40 -12.71 -5.06 -0.65
N LEU A 41 -11.89 -5.91 -1.26
CA LEU A 41 -11.43 -5.75 -2.65
C LEU A 41 -11.62 -6.95 -3.49
N TYR A 42 -11.86 -6.73 -4.79
CA TYR A 42 -11.83 -7.75 -5.79
C TYR A 42 -10.48 -7.83 -6.36
N VAL A 43 -9.99 -9.03 -6.54
CA VAL A 43 -8.68 -9.25 -7.16
C VAL A 43 -8.84 -10.43 -8.13
N PRO A 44 -7.80 -10.67 -8.95
CA PRO A 44 -7.92 -11.72 -9.97
C PRO A 44 -8.07 -13.02 -9.27
N PRO A 45 -8.96 -13.89 -9.77
CA PRO A 45 -9.23 -15.18 -9.07
C PRO A 45 -8.05 -16.10 -8.88
N ASP A 46 -7.01 -15.97 -9.70
CA ASP A 46 -5.87 -16.84 -9.61
C ASP A 46 -4.73 -16.27 -8.72
N ILE A 47 -4.95 -15.23 -7.93
CA ILE A 47 -3.78 -14.71 -7.19
C ILE A 47 -3.30 -15.82 -6.24
N THR A 48 -2.03 -15.83 -5.94
CA THR A 48 -1.50 -16.78 -4.92
C THR A 48 -1.64 -16.16 -3.55
N VAL A 49 -1.35 -16.97 -2.55
CA VAL A 49 -1.41 -16.53 -1.16
C VAL A 49 -0.39 -15.42 -0.87
N THR A 50 0.79 -15.55 -1.45
CA THR A 50 1.81 -14.56 -1.29
C THR A 50 1.41 -13.22 -1.90
N THR A 51 0.89 -13.25 -3.13
CA THR A 51 0.46 -11.99 -3.75
C THR A 51 -0.63 -11.35 -2.93
N GLY A 52 -1.58 -12.18 -2.43
CA GLY A 52 -2.69 -11.66 -1.62
C GLY A 52 -2.18 -10.94 -0.38
N GLU A 53 -1.22 -11.54 0.29
CA GLU A 53 -0.57 -10.90 1.43
CA GLU A 53 -0.55 -10.91 1.44
C GLU A 53 0.18 -9.60 1.05
N ARG A 54 0.90 -9.64 -0.05
CA ARG A 54 1.49 -8.43 -0.60
C ARG A 54 0.45 -7.35 -0.99
N ILE A 55 -0.70 -7.70 -1.54
CA ILE A 55 -1.71 -6.64 -1.80
C ILE A 55 -2.25 -6.06 -0.50
N LYS A 56 -2.48 -6.91 0.53
CA LYS A 56 -2.97 -6.38 1.85
C LYS A 56 -2.02 -5.41 2.48
N LYS A 57 -0.74 -5.70 2.36
CA LYS A 57 0.32 -4.79 2.76
C LYS A 57 0.29 -3.46 2.01
N GLU A 58 0.10 -3.51 0.67
CA GLU A 58 -0.06 -2.23 -0.11
C GLU A 58 -1.22 -1.43 0.30
N VAL A 59 -2.36 -2.11 0.54
CA VAL A 59 -3.54 -1.38 1.01
C VAL A 59 -3.36 -0.70 2.34
N ASN A 60 -2.68 -1.40 3.21
CA ASN A 60 -2.39 -0.88 4.53
C ASN A 60 -1.47 0.36 4.44
N GLN A 61 -0.47 0.30 3.57
CA GLN A 61 0.42 1.43 3.34
C GLN A 61 -0.37 2.64 2.86
N ILE A 62 -1.26 2.41 1.93
CA ILE A 62 -2.09 3.54 1.42
C ILE A 62 -2.86 4.22 2.49
N ILE A 63 -3.52 3.42 3.34
CA ILE A 63 -4.30 4.02 4.41
C ILE A 63 -3.44 4.77 5.39
N LYS A 64 -2.36 4.15 5.85
CA LYS A 64 -1.47 4.82 6.78
C LYS A 64 -0.90 6.12 6.22
N GLU A 65 -0.66 6.18 4.93
CA GLU A 65 -0.18 7.39 4.35
C GLU A 65 -1.26 8.45 4.29
N ILE A 66 -2.46 8.08 3.92
CA ILE A 66 -3.54 9.09 3.77
C ILE A 66 -4.10 9.61 5.07
N VAL A 67 -4.32 8.73 6.02
CA VAL A 67 -4.89 9.08 7.31
C VAL A 67 -3.79 9.46 8.31
N ASP A 68 -3.84 10.68 8.81
CA ASP A 68 -2.83 11.20 9.71
CA ASP A 68 -2.80 11.20 9.72
C ASP A 68 -2.91 10.51 11.09
N ARG A 69 -4.13 10.33 11.55
CA ARG A 69 -4.37 9.72 12.86
C ARG A 69 -4.14 8.22 12.89
N LYS A 70 -4.13 7.71 14.09
CA LYS A 70 -3.97 6.30 14.32
C LYS A 70 -5.13 5.52 13.70
N SER A 71 -4.80 4.40 13.06
CA SER A 71 -5.75 3.59 12.38
C SER A 71 -5.46 2.11 12.53
N THR A 72 -6.52 1.35 12.34
CA THR A 72 -6.49 -0.06 12.23
C THR A 72 -7.11 -0.40 10.85
N VAL A 73 -6.57 -1.41 10.20
CA VAL A 73 -6.99 -1.70 8.82
C VAL A 73 -7.21 -3.19 8.69
N LYS A 74 -8.41 -3.56 8.35
CA LYS A 74 -8.69 -4.97 8.08
C LYS A 74 -9.05 -5.12 6.56
N VAL A 75 -8.30 -5.95 5.84
CA VAL A 75 -8.47 -6.07 4.37
C VAL A 75 -8.96 -7.47 4.06
N ARG A 76 -10.04 -7.58 3.25
CA ARG A 76 -10.48 -8.86 2.78
C ARG A 76 -10.40 -8.90 1.26
N LEU A 77 -9.93 -10.01 0.71
CA LEU A 77 -9.79 -10.14 -0.78
C LEU A 77 -10.81 -11.18 -1.30
N PHE A 78 -11.51 -10.80 -2.35
CA PHE A 78 -12.50 -11.63 -3.02
C PHE A 78 -12.14 -11.79 -4.48
N ALA A 79 -12.45 -12.94 -5.07
CA ALA A 79 -12.22 -13.19 -6.50
C ALA A 79 -13.08 -12.18 -7.30
N ALA A 80 -12.48 -11.49 -8.24
CA ALA A 80 -13.30 -10.70 -9.21
C ALA A 80 -14.33 -11.60 -9.89
N GLN A 81 -15.44 -11.00 -10.22
CA GLN A 81 -16.60 -11.68 -10.76
C GLN A 81 -16.28 -11.76 -12.27
N GLU A 82 -16.36 -12.94 -12.83
CA GLU A 82 -16.12 -13.19 -14.23
C GLU A 82 -17.42 -13.31 -15.00
N GLU A 83 -17.38 -12.89 -16.25
CA GLU A 83 -18.43 -13.02 -17.18
C GLU A 83 -18.83 -14.47 -17.36
N LEU A 84 -20.12 -14.73 -17.42
CA LEU A 84 -20.64 -16.09 -17.54
C LEU A 84 -20.46 -16.59 -18.93
N HIS B 2 28.26 0.66 -9.28
CA HIS B 2 27.06 1.27 -8.70
C HIS B 2 25.81 0.92 -9.55
N MET B 3 26.03 0.60 -10.83
CA MET B 3 24.97 0.23 -11.73
C MET B 3 24.39 -1.13 -11.25
N GLU B 4 25.27 -2.05 -10.87
CA GLU B 4 24.83 -3.36 -10.41
C GLU B 4 24.12 -3.26 -9.05
N ASP B 5 24.47 -2.26 -8.25
CA ASP B 5 23.79 -2.00 -6.98
C ASP B 5 22.34 -1.58 -7.19
N TYR B 6 22.14 -0.70 -8.16
CA TYR B 6 20.83 -0.23 -8.51
C TYR B 6 19.94 -1.35 -9.07
N ILE B 7 20.49 -2.14 -9.99
CA ILE B 7 19.79 -3.27 -10.56
C ILE B 7 19.29 -4.25 -9.46
N GLU B 8 20.15 -4.53 -8.52
CA GLU B 8 19.82 -5.44 -7.45
C GLU B 8 18.70 -4.92 -6.56
N ALA B 9 18.74 -3.61 -6.20
CA ALA B 9 17.69 -3.06 -5.40
C ALA B 9 16.35 -3.01 -6.24
N ILE B 10 16.44 -2.63 -7.49
CA ILE B 10 15.27 -2.63 -8.38
C ILE B 10 14.66 -4.03 -8.47
N ALA B 11 15.46 -5.05 -8.73
CA ALA B 11 14.96 -6.45 -8.76
C ALA B 11 14.37 -6.86 -7.45
N ASN B 12 14.99 -6.48 -6.32
CA ASN B 12 14.41 -6.80 -5.01
C ASN B 12 13.02 -6.20 -4.85
N VAL B 13 12.83 -4.97 -5.31
CA VAL B 13 11.48 -4.38 -5.21
C VAL B 13 10.48 -5.06 -6.11
N LEU B 14 10.87 -5.25 -7.37
CA LEU B 14 9.97 -5.76 -8.38
C LEU B 14 9.48 -7.17 -8.01
N GLU B 15 10.38 -7.98 -7.47
CA GLU B 15 10.07 -9.30 -7.03
C GLU B 15 8.95 -9.31 -6.00
N LYS B 16 8.80 -8.22 -5.25
CA LYS B 16 7.86 -8.16 -4.16
C LYS B 16 6.69 -7.27 -4.51
N THR B 17 6.60 -6.86 -5.76
CA THR B 17 5.50 -5.96 -6.19
C THR B 17 4.36 -6.84 -6.75
N PRO B 18 3.18 -6.87 -6.05
CA PRO B 18 2.20 -7.85 -6.39
C PRO B 18 1.60 -7.75 -7.81
N SER B 19 1.63 -6.59 -8.46
CA SER B 19 1.06 -6.50 -9.82
C SER B 19 1.95 -7.15 -10.93
N ILE B 20 3.13 -7.59 -10.54
CA ILE B 20 4.14 -8.13 -11.43
C ILE B 20 4.30 -9.60 -11.11
N SER B 21 4.13 -10.46 -12.12
CA SER B 21 4.31 -11.91 -11.86
C SER B 21 5.78 -12.27 -11.72
N ASP B 22 6.64 -11.70 -12.52
CA ASP B 22 8.10 -12.02 -12.49
C ASP B 22 8.84 -11.00 -13.29
N VAL B 23 10.13 -10.90 -13.04
CA VAL B 23 11.04 -10.07 -13.80
C VAL B 23 11.58 -10.93 -14.93
N LYS B 24 11.41 -10.48 -16.16
CA LYS B 24 11.96 -11.17 -17.29
C LYS B 24 13.39 -10.73 -17.57
N ASP B 25 13.66 -9.45 -17.49
CA ASP B 25 15.01 -8.93 -17.71
C ASP B 25 15.10 -7.49 -17.29
N ILE B 26 16.25 -7.13 -16.79
CA ILE B 26 16.59 -5.73 -16.44
C ILE B 26 17.91 -5.37 -17.09
N ILE B 27 17.90 -4.37 -17.94
CA ILE B 27 19.14 -3.92 -18.55
C ILE B 27 19.34 -2.46 -18.17
N ALA B 28 20.60 -2.06 -17.97
CA ALA B 28 20.96 -0.67 -17.68
C ALA B 28 22.19 -0.24 -18.45
N ARG B 29 22.21 0.99 -18.97
CA ARG B 29 23.45 1.50 -19.50
C ARG B 29 23.55 2.97 -19.26
N GLU B 30 24.76 3.43 -19.41
CA GLU B 30 25.12 4.77 -19.06
C GLU B 30 25.19 5.54 -20.38
N LEU B 31 24.43 6.62 -20.46
CA LEU B 31 24.53 7.57 -21.56
C LEU B 31 24.86 8.96 -21.03
N GLY B 32 26.16 9.32 -21.08
CA GLY B 32 26.68 10.42 -20.32
C GLY B 32 26.28 10.21 -18.87
N GLN B 33 25.68 11.23 -18.27
CA GLN B 33 25.30 11.18 -16.87
C GLN B 33 23.90 10.53 -16.69
N VAL B 34 23.25 10.11 -17.76
CA VAL B 34 21.91 9.54 -17.68
C VAL B 34 22.03 8.03 -17.65
N LEU B 35 21.34 7.42 -16.70
CA LEU B 35 21.17 6.00 -16.70
C LEU B 35 19.90 5.58 -17.43
N GLU B 36 20.08 4.74 -18.43
CA GLU B 36 18.96 4.21 -19.21
C GLU B 36 18.62 2.78 -18.76
N PHE B 37 17.37 2.59 -18.36
CA PHE B 37 16.89 1.27 -17.95
C PHE B 37 15.89 0.71 -18.96
N GLU B 38 16.07 -0.57 -19.30
CA GLU B 38 15.07 -1.36 -20.02
C GLU B 38 14.62 -2.46 -19.13
N ILE B 39 13.35 -2.43 -18.79
CA ILE B 39 12.79 -3.41 -17.86
C ILE B 39 11.69 -4.23 -18.54
N ASP B 40 11.91 -5.54 -18.60
CA ASP B 40 10.92 -6.48 -19.15
C ASP B 40 10.29 -7.28 -18.02
N LEU B 41 8.96 -7.28 -17.95
CA LEU B 41 8.22 -8.01 -16.90
C LEU B 41 7.18 -8.94 -17.43
N TYR B 42 6.95 -10.02 -16.70
CA TYR B 42 5.83 -10.86 -16.89
C TYR B 42 4.69 -10.39 -16.05
N VAL B 43 3.50 -10.36 -16.66
CA VAL B 43 2.29 -10.02 -15.94
C VAL B 43 1.23 -11.05 -16.32
N PRO B 44 0.09 -11.05 -15.61
CA PRO B 44 -0.96 -11.99 -15.89
C PRO B 44 -1.46 -11.76 -17.28
N PRO B 45 -1.73 -12.84 -18.04
CA PRO B 45 -2.09 -12.70 -19.44
C PRO B 45 -3.34 -11.89 -19.73
N ASP B 46 -4.24 -11.80 -18.76
CA ASP B 46 -5.50 -11.11 -18.97
C ASP B 46 -5.46 -9.62 -18.57
N ILE B 47 -4.30 -9.03 -18.30
CA ILE B 47 -4.33 -7.65 -17.82
C ILE B 47 -4.96 -6.79 -18.91
N THR B 48 -5.67 -5.76 -18.53
CA THR B 48 -6.20 -4.81 -19.55
C THR B 48 -5.10 -3.80 -19.90
N VAL B 49 -5.40 -2.99 -20.89
CA VAL B 49 -4.51 -1.96 -21.35
C VAL B 49 -4.27 -0.93 -20.25
N THR B 50 -5.34 -0.59 -19.54
CA THR B 50 -5.23 0.39 -18.47
C THR B 50 -4.34 -0.12 -17.34
N THR B 51 -4.54 -1.37 -16.92
CA THR B 51 -3.73 -1.93 -15.88
C THR B 51 -2.30 -1.96 -16.31
N GLY B 52 -2.06 -2.28 -17.58
CA GLY B 52 -0.67 -2.35 -18.10
C GLY B 52 0.00 -0.99 -17.97
N GLU B 53 -0.72 0.03 -18.38
CA GLU B 53 -0.21 1.40 -18.23
C GLU B 53 0.07 1.79 -16.78
N ARG B 54 -0.86 1.42 -15.90
CA ARG B 54 -0.66 1.62 -14.47
C ARG B 54 0.55 0.86 -13.94
N ILE B 55 0.80 -0.36 -14.38
CA ILE B 55 1.99 -1.08 -13.93
C ILE B 55 3.25 -0.39 -14.41
N LYS B 56 3.26 0.09 -15.66
CA LYS B 56 4.47 0.80 -16.18
C LYS B 56 4.76 2.03 -15.40
N LYS B 57 3.72 2.80 -15.04
CA LYS B 57 3.87 3.95 -14.11
CA LYS B 57 3.88 3.93 -14.13
C LYS B 57 4.46 3.53 -12.76
N GLU B 58 4.01 2.40 -12.18
CA GLU B 58 4.58 1.93 -10.86
C GLU B 58 6.02 1.60 -10.99
N VAL B 59 6.39 0.96 -12.11
CA VAL B 59 7.79 0.57 -12.30
C VAL B 59 8.68 1.79 -12.43
N ASN B 60 8.18 2.76 -13.12
CA ASN B 60 8.89 4.00 -13.29
C ASN B 60 9.12 4.68 -11.95
N GLN B 61 8.10 4.70 -11.10
CA GLN B 61 8.18 5.30 -9.79
C GLN B 61 9.27 4.61 -8.97
N ILE B 62 9.28 3.30 -9.04
CA ILE B 62 10.31 2.52 -8.28
C ILE B 62 11.70 2.90 -8.70
N ILE B 63 11.92 2.96 -10.02
CA ILE B 63 13.24 3.37 -10.47
C ILE B 63 13.63 4.77 -10.07
N LYS B 64 12.76 5.75 -10.31
CA LYS B 64 13.04 7.14 -9.96
C LYS B 64 13.32 7.31 -8.47
N GLU B 65 12.69 6.49 -7.64
CA GLU B 65 12.92 6.61 -6.23
C GLU B 65 14.25 5.97 -5.84
N ILE B 66 14.60 4.85 -6.43
CA ILE B 66 15.85 4.19 -6.09
C ILE B 66 17.09 4.82 -6.65
N VAL B 67 17.04 5.23 -7.90
CA VAL B 67 18.23 5.84 -8.50
C VAL B 67 18.22 7.37 -8.37
N ASP B 68 19.26 7.89 -7.76
CA ASP B 68 19.35 9.29 -7.40
C ASP B 68 19.52 10.16 -8.65
N ARG B 69 20.35 9.68 -9.55
CA ARG B 69 20.67 10.44 -10.74
C ARG B 69 19.62 10.32 -11.85
N LYS B 70 19.74 11.16 -12.84
CA LYS B 70 18.77 11.22 -13.92
C LYS B 70 18.70 9.88 -14.66
N SER B 71 17.48 9.48 -15.00
CA SER B 71 17.24 8.25 -15.67
C SER B 71 16.17 8.34 -16.77
N THR B 72 16.25 7.38 -17.67
CA THR B 72 15.18 7.11 -18.58
C THR B 72 14.79 5.63 -18.39
N VAL B 73 13.52 5.33 -18.52
CA VAL B 73 13.00 3.99 -18.17
C VAL B 73 12.11 3.52 -19.29
N LYS B 74 12.45 2.41 -19.88
CA LYS B 74 11.56 1.82 -20.86
C LYS B 74 11.04 0.46 -20.30
N VAL B 75 9.71 0.32 -20.20
CA VAL B 75 9.11 -0.93 -19.63
C VAL B 75 8.34 -1.68 -20.70
N ARG B 76 8.58 -2.97 -20.82
CA ARG B 76 7.81 -3.82 -21.71
C ARG B 76 7.13 -4.90 -20.86
N LEU B 77 5.86 -5.17 -21.13
CA LEU B 77 5.08 -6.19 -20.43
C LEU B 77 4.80 -7.39 -21.36
N PHE B 78 5.04 -8.58 -20.82
CA PHE B 78 4.83 -9.82 -21.50
C PHE B 78 3.86 -10.70 -20.70
N ALA B 79 3.01 -11.46 -21.36
CA ALA B 79 2.16 -12.46 -20.67
C ALA B 79 3.00 -13.50 -19.90
N ALA B 80 2.73 -13.68 -18.63
CA ALA B 80 3.34 -14.81 -17.91
C ALA B 80 3.09 -16.11 -18.64
N GLN B 81 4.04 -17.01 -18.47
CA GLN B 81 4.11 -18.26 -19.20
C GLN B 81 3.25 -19.20 -18.32
N GLU B 82 2.25 -19.81 -18.92
CA GLU B 82 1.34 -20.73 -18.22
C GLU B 82 1.67 -22.20 -18.50
N GLU B 83 1.47 -23.00 -17.47
CA GLU B 83 1.72 -24.42 -17.52
C GLU B 83 0.94 -25.11 -18.63
N LEU B 84 1.56 -26.04 -19.33
CA LEU B 84 0.85 -26.77 -20.38
C LEU B 84 -0.11 -27.73 -19.75
N HIS C 2 -8.20 41.45 -5.51
CA HIS C 2 -9.18 40.56 -4.85
C HIS C 2 -8.96 39.08 -5.20
N MET C 3 -9.36 38.76 -6.43
CA MET C 3 -9.14 37.46 -7.02
C MET C 3 -7.64 37.23 -7.01
N GLU C 4 -6.92 38.31 -7.36
CA GLU C 4 -5.49 38.32 -7.30
C GLU C 4 -5.02 38.15 -5.88
N ASP C 5 -5.80 38.62 -4.91
CA ASP C 5 -5.45 38.48 -3.50
C ASP C 5 -5.43 37.01 -3.09
N TYR C 6 -6.47 36.30 -3.50
CA TYR C 6 -6.59 34.89 -3.20
C TYR C 6 -5.46 34.08 -3.84
N ILE C 7 -5.20 34.35 -5.12
CA ILE C 7 -4.16 33.67 -5.86
C ILE C 7 -2.81 33.80 -5.15
N GLU C 8 -2.52 35.01 -4.70
CA GLU C 8 -1.25 35.30 -4.03
C GLU C 8 -1.10 34.52 -2.73
N ALA C 9 -2.16 34.46 -1.92
CA ALA C 9 -2.10 33.74 -0.67
C ALA C 9 -2.01 32.22 -0.91
N ILE C 10 -2.77 31.73 -1.90
CA ILE C 10 -2.65 30.34 -2.32
C ILE C 10 -1.21 30.02 -2.76
N ALA C 11 -0.66 30.81 -3.67
CA ALA C 11 0.72 30.59 -4.12
C ALA C 11 1.66 30.60 -2.93
N ASN C 12 1.44 31.49 -1.98
CA ASN C 12 2.34 31.60 -0.84
C ASN C 12 2.34 30.31 -0.06
N VAL C 13 1.17 29.71 0.12
CA VAL C 13 1.09 28.47 0.88
C VAL C 13 1.72 27.32 0.12
N LEU C 14 1.37 27.20 -1.17
CA LEU C 14 1.87 26.13 -2.03
C LEU C 14 3.40 26.16 -2.08
N GLU C 15 3.99 27.34 -2.15
CA GLU C 15 5.45 27.51 -2.16
C GLU C 15 6.13 26.91 -0.95
N LYS C 16 5.41 26.91 0.17
CA LYS C 16 5.94 26.43 1.43
C LYS C 16 5.41 25.05 1.78
N THR C 17 4.79 24.38 0.81
CA THR C 17 4.29 23.04 0.99
C THR C 17 5.38 22.10 0.40
N PRO C 18 6.11 21.40 1.29
CA PRO C 18 7.32 20.70 0.83
C PRO C 18 7.07 19.57 -0.19
N SER C 19 5.87 19.01 -0.23
CA SER C 19 5.56 17.96 -1.21
C SER C 19 5.42 18.47 -2.71
N ILE C 20 5.40 19.78 -2.91
CA ILE C 20 5.22 20.38 -4.20
C ILE C 20 6.57 20.95 -4.63
N SER C 21 7.08 20.57 -5.82
CA SER C 21 8.35 21.14 -6.31
C SER C 21 8.19 22.58 -6.75
N ASP C 22 7.11 22.88 -7.46
CA ASP C 22 6.89 24.21 -7.95
C ASP C 22 5.47 24.33 -8.37
N VAL C 23 5.02 25.56 -8.44
CA VAL C 23 3.74 25.88 -8.99
C VAL C 23 3.98 26.07 -10.45
N LYS C 24 3.25 25.35 -11.28
CA LYS C 24 3.33 25.51 -12.73
C LYS C 24 2.39 26.61 -13.12
N ASP C 25 1.18 26.61 -12.58
CA ASP C 25 0.19 27.62 -12.94
C ASP C 25 -0.99 27.60 -11.98
N ILE C 26 -1.55 28.77 -11.74
CA ILE C 26 -2.79 28.93 -10.99
C ILE C 26 -3.71 29.80 -11.84
N ILE C 27 -4.87 29.28 -12.16
CA ILE C 27 -5.88 30.04 -12.87
C ILE C 27 -7.13 30.09 -12.03
N ALA C 28 -7.83 31.24 -12.02
CA ALA C 28 -9.08 31.42 -11.30
C ALA C 28 -10.09 32.11 -12.20
N ARG C 29 -11.30 31.62 -12.24
CA ARG C 29 -12.35 32.28 -13.00
C ARG C 29 -13.49 32.47 -12.07
N GLU C 30 -14.08 33.66 -12.12
CA GLU C 30 -15.33 33.85 -11.44
C GLU C 30 -16.42 33.57 -12.42
N LEU C 31 -17.13 32.46 -12.20
CA LEU C 31 -18.26 32.14 -13.03
C LEU C 31 -19.49 32.01 -12.16
N GLY C 32 -20.45 32.91 -12.39
CA GLY C 32 -21.73 32.79 -11.76
C GLY C 32 -21.60 32.72 -10.26
N GLN C 33 -22.14 31.66 -9.70
CA GLN C 33 -22.14 31.49 -8.26
C GLN C 33 -20.76 31.15 -7.67
N VAL C 34 -19.86 30.58 -8.46
CA VAL C 34 -18.65 29.92 -7.88
C VAL C 34 -17.29 30.37 -8.43
N LEU C 35 -16.26 30.42 -7.56
CA LEU C 35 -14.87 30.64 -7.97
C LEU C 35 -14.26 29.33 -8.36
N GLU C 36 -13.81 29.26 -9.61
CA GLU C 36 -13.18 28.05 -10.14
C GLU C 36 -11.68 28.20 -10.18
N PHE C 37 -10.99 27.29 -9.51
CA PHE C 37 -9.56 27.29 -9.58
C PHE C 37 -9.11 26.10 -10.41
N GLU C 38 -8.13 26.37 -11.28
CA GLU C 38 -7.30 25.33 -11.91
C GLU C 38 -5.84 25.49 -11.44
N ILE C 39 -5.31 24.43 -10.83
CA ILE C 39 -4.01 24.48 -10.22
C ILE C 39 -3.14 23.37 -10.83
N ASP C 40 -2.03 23.78 -11.45
CA ASP C 40 -1.05 22.86 -12.04
C ASP C 40 0.24 22.94 -11.28
N LEU C 41 0.76 21.78 -10.89
CA LEU C 41 1.91 21.72 -10.06
C LEU C 41 2.95 20.79 -10.66
N TYR C 42 4.21 21.09 -10.39
CA TYR C 42 5.29 20.20 -10.60
C TYR C 42 5.54 19.47 -9.34
N VAL C 43 5.79 18.16 -9.48
CA VAL C 43 6.12 17.39 -8.36
C VAL C 43 7.31 16.52 -8.70
N PRO C 44 7.95 15.98 -7.68
CA PRO C 44 9.08 15.07 -7.91
C PRO C 44 8.68 13.88 -8.76
N PRO C 45 9.54 13.47 -9.67
CA PRO C 45 9.18 12.43 -10.61
C PRO C 45 8.95 11.09 -9.97
N ASP C 46 9.46 10.86 -8.76
CA ASP C 46 9.24 9.59 -8.03
C ASP C 46 8.00 9.60 -7.11
N ILE C 47 7.02 10.53 -7.27
CA ILE C 47 5.87 10.43 -6.41
C ILE C 47 4.98 9.23 -6.76
N THR C 48 4.34 8.68 -5.75
CA THR C 48 3.43 7.63 -5.97
C THR C 48 2.06 8.20 -6.25
N VAL C 49 1.14 7.31 -6.59
CA VAL C 49 -0.25 7.69 -6.74
C VAL C 49 -0.82 8.22 -5.40
N THR C 50 -0.47 7.55 -4.31
CA THR C 50 -1.05 7.94 -3.05
C THR C 50 -0.60 9.33 -2.64
N THR C 51 0.67 9.62 -2.81
CA THR C 51 1.19 10.94 -2.49
C THR C 51 0.58 11.96 -3.38
N GLY C 52 0.40 11.63 -4.66
CA GLY C 52 -0.27 12.57 -5.55
C GLY C 52 -1.69 12.91 -5.13
N GLU C 53 -2.47 11.91 -4.73
CA GLU C 53 -3.78 12.17 -4.24
C GLU C 53 -3.74 12.95 -2.95
N ARG C 54 -2.80 12.63 -2.04
CA ARG C 54 -2.60 13.40 -0.81
C ARG C 54 -2.30 14.86 -1.15
N ILE C 55 -1.48 15.10 -2.15
CA ILE C 55 -1.18 16.49 -2.52
C ILE C 55 -2.45 17.20 -3.07
N LYS C 56 -3.27 16.53 -3.86
CA LYS C 56 -4.49 17.15 -4.38
C LYS C 56 -5.51 17.48 -3.29
N LYS C 57 -5.69 16.58 -2.36
CA LYS C 57 -6.52 16.81 -1.22
C LYS C 57 -6.00 17.96 -0.34
N GLU C 58 -4.68 18.05 -0.13
CA GLU C 58 -4.10 19.16 0.61
C GLU C 58 -4.39 20.42 -0.12
N VAL C 59 -4.25 20.42 -1.44
CA VAL C 59 -4.40 21.65 -2.23
C VAL C 59 -5.83 22.11 -2.11
N ASN C 60 -6.75 21.17 -2.14
CA ASN C 60 -8.13 21.48 -1.98
C ASN C 60 -8.44 22.09 -0.61
N GLN C 61 -7.93 21.48 0.44
CA GLN C 61 -8.08 21.96 1.78
C GLN C 61 -7.51 23.41 1.91
N ILE C 62 -6.33 23.66 1.35
CA ILE C 62 -5.74 24.99 1.36
C ILE C 62 -6.72 25.99 0.76
N ILE C 63 -7.25 25.70 -0.40
CA ILE C 63 -8.09 26.66 -1.07
C ILE C 63 -9.36 26.91 -0.29
N LYS C 64 -9.99 25.86 0.21
CA LYS C 64 -11.23 26.01 0.97
C LYS C 64 -11.00 26.85 2.23
N GLU C 65 -9.83 26.71 2.84
CA GLU C 65 -9.55 27.50 4.00
C GLU C 65 -9.29 28.98 3.64
N ILE C 66 -8.61 29.25 2.54
CA ILE C 66 -8.28 30.60 2.20
C ILE C 66 -9.44 31.39 1.60
N VAL C 67 -10.20 30.76 0.72
CA VAL C 67 -11.28 31.49 0.05
C VAL C 67 -12.63 31.23 0.76
N ASP C 68 -13.27 32.32 1.18
CA ASP C 68 -14.54 32.24 1.95
C ASP C 68 -15.68 31.78 1.06
N ARG C 69 -15.73 32.36 -0.13
CA ARG C 69 -16.72 32.11 -1.16
C ARG C 69 -16.79 30.62 -1.45
N LYS C 70 -17.86 30.18 -2.12
CA LYS C 70 -17.92 28.83 -2.72
C LYS C 70 -16.93 28.64 -3.89
N SER C 71 -16.28 27.48 -3.93
CA SER C 71 -15.25 27.22 -4.92
C SER C 71 -15.24 25.78 -5.47
N THR C 72 -14.67 25.66 -6.65
CA THR C 72 -14.36 24.40 -7.29
C THR C 72 -12.85 24.40 -7.54
N VAL C 73 -12.20 23.25 -7.42
CA VAL C 73 -10.74 23.16 -7.53
C VAL C 73 -10.37 21.99 -8.39
N LYS C 74 -9.63 22.24 -9.44
CA LYS C 74 -9.14 21.18 -10.30
C LYS C 74 -7.60 21.20 -10.29
N VAL C 75 -6.99 20.09 -9.88
CA VAL C 75 -5.56 20.02 -9.67
C VAL C 75 -4.97 19.03 -10.63
N ARG C 76 -3.92 19.43 -11.34
CA ARG C 76 -3.12 18.51 -12.20
C ARG C 76 -1.68 18.48 -11.76
N LEU C 77 -1.07 17.28 -11.74
CA LEU C 77 0.30 17.09 -11.31
C LEU C 77 1.18 16.67 -12.52
N PHE C 78 2.34 17.33 -12.65
CA PHE C 78 3.30 17.02 -13.68
C PHE C 78 4.68 16.70 -13.09
N ALA C 79 5.38 15.78 -13.70
CA ALA C 79 6.74 15.43 -13.24
C ALA C 79 7.71 16.59 -13.47
N ALA C 80 8.38 17.05 -12.41
CA ALA C 80 9.45 18.03 -12.53
C ALA C 80 10.55 17.42 -13.35
N GLN C 81 11.31 18.25 -14.00
CA GLN C 81 12.50 17.81 -14.74
C GLN C 81 13.54 17.25 -13.72
N GLU C 82 14.35 16.32 -14.16
CA GLU C 82 15.45 15.77 -13.38
C GLU C 82 16.76 16.45 -13.73
N GLU C 83 17.38 16.77 -12.62
CA GLU C 83 18.66 17.26 -12.52
C GLU C 83 19.67 16.27 -13.02
N LEU C 84 20.60 16.75 -13.82
CA LEU C 84 21.62 15.95 -14.37
C LEU C 84 22.63 15.69 -13.21
N GLU D 4 33.42 -2.44 19.97
CA GLU D 4 32.66 -1.59 19.00
C GLU D 4 32.39 -0.08 19.39
N ASP D 5 33.44 0.66 19.08
CA ASP D 5 33.34 2.06 18.67
C ASP D 5 32.57 2.14 17.34
N TYR D 6 32.59 1.05 16.57
CA TYR D 6 31.84 0.97 15.33
C TYR D 6 30.35 1.14 15.55
N ILE D 7 29.83 0.41 16.54
CA ILE D 7 28.40 0.46 16.85
C ILE D 7 27.96 1.89 17.14
N GLU D 8 28.76 2.60 17.94
CA GLU D 8 28.46 3.99 18.30
C GLU D 8 28.41 4.91 17.08
N ALA D 9 29.36 4.75 16.16
CA ALA D 9 29.39 5.61 14.98
C ALA D 9 28.24 5.26 14.03
N ILE D 10 27.98 3.97 13.87
CA ILE D 10 26.80 3.56 13.15
C ILE D 10 25.53 4.18 13.75
N ALA D 11 25.31 4.00 15.04
CA ALA D 11 24.11 4.53 15.68
C ALA D 11 24.03 6.02 15.46
N ASN D 12 25.18 6.70 15.54
CA ASN D 12 25.18 8.16 15.36
C ASN D 12 24.68 8.54 13.99
N VAL D 13 25.10 7.80 12.97
CA VAL D 13 24.65 8.10 11.61
C VAL D 13 23.17 7.79 11.43
N LEU D 14 22.76 6.60 11.89
CA LEU D 14 21.34 6.16 11.77
C LEU D 14 20.41 7.17 12.43
N GLU D 15 20.80 7.69 13.59
CA GLU D 15 20.02 8.68 14.31
C GLU D 15 19.71 9.92 13.50
N LYS D 16 20.63 10.24 12.61
CA LYS D 16 20.54 11.44 11.80
C LYS D 16 20.09 11.13 10.39
N THR D 17 19.62 9.91 10.16
CA THR D 17 19.12 9.50 8.88
C THR D 17 17.57 9.66 8.99
N PRO D 18 17.03 10.69 8.31
CA PRO D 18 15.62 11.03 8.54
C PRO D 18 14.60 9.94 8.17
N SER D 19 14.95 9.02 7.28
CA SER D 19 14.02 7.95 6.89
C SER D 19 13.82 6.85 8.01
N ILE D 20 14.63 6.90 9.05
CA ILE D 20 14.59 5.91 10.13
C ILE D 20 13.94 6.57 11.36
N SER D 21 12.88 5.97 11.92
CA SER D 21 12.25 6.54 13.11
C SER D 21 13.13 6.34 14.33
N ASP D 22 13.69 5.16 14.47
CA ASP D 22 14.46 4.84 15.64
C ASP D 22 15.23 3.59 15.38
N VAL D 23 16.30 3.43 16.13
CA VAL D 23 17.08 2.22 16.12
C VAL D 23 16.43 1.32 17.15
N LYS D 24 16.04 0.13 16.75
CA LYS D 24 15.49 -0.84 17.67
C LYS D 24 16.62 -1.60 18.29
N ASP D 25 17.60 -2.00 17.50
CA ASP D 25 18.71 -2.76 18.02
C ASP D 25 19.85 -2.86 16.98
N ILE D 26 21.07 -2.87 17.48
CA ILE D 26 22.25 -3.11 16.68
C ILE D 26 23.02 -4.20 17.38
N ILE D 27 23.25 -5.30 16.67
CA ILE D 27 24.08 -6.38 17.20
C ILE D 27 25.24 -6.57 16.25
N ALA D 28 26.41 -6.86 16.82
CA ALA D 28 27.59 -7.16 16.04
C ALA D 28 28.29 -8.38 16.61
N ARG D 29 28.71 -9.29 15.77
CA ARG D 29 29.60 -10.35 16.27
C ARG D 29 30.68 -10.64 15.29
N GLU D 30 31.72 -11.26 15.81
CA GLU D 30 32.92 -11.47 15.05
C GLU D 30 32.98 -12.94 14.66
N LEU D 31 32.93 -13.24 13.35
CA LEU D 31 33.14 -14.61 12.86
C LEU D 31 34.35 -14.71 11.93
N GLY D 32 35.45 -15.23 12.49
CA GLY D 32 36.75 -15.15 11.89
C GLY D 32 37.11 -13.69 11.63
N GLN D 33 37.42 -13.39 10.37
CA GLN D 33 37.79 -12.03 9.96
C GLN D 33 36.56 -11.07 9.85
N VAL D 34 35.38 -11.68 9.79
CA VAL D 34 34.22 -10.96 9.32
C VAL D 34 33.41 -10.46 10.48
N LEU D 35 33.09 -9.17 10.46
CA LEU D 35 32.10 -8.62 11.37
C LEU D 35 30.71 -8.75 10.80
N GLU D 36 29.87 -9.44 11.55
CA GLU D 36 28.45 -9.57 11.21
C GLU D 36 27.61 -8.58 11.99
N PHE D 37 26.88 -7.76 11.27
CA PHE D 37 25.95 -6.84 11.89
C PHE D 37 24.53 -7.32 11.64
N GLU D 38 23.73 -7.28 12.70
CA GLU D 38 22.24 -7.33 12.61
C GLU D 38 21.65 -5.99 13.09
N ILE D 39 20.90 -5.35 12.22
CA ILE D 39 20.38 -4.03 12.49
C ILE D 39 18.86 -4.07 12.37
N ASP D 40 18.18 -3.74 13.47
CA ASP D 40 16.73 -3.65 13.52
C ASP D 40 16.31 -2.21 13.71
N LEU D 41 15.40 -1.76 12.86
CA LEU D 41 15.00 -0.41 12.86
C LEU D 41 13.50 -0.27 12.91
N TYR D 42 13.04 0.83 13.50
CA TYR D 42 11.69 1.23 13.46
C TYR D 42 11.59 2.22 12.33
N VAL D 43 10.54 2.04 11.53
CA VAL D 43 10.30 3.00 10.51
C VAL D 43 8.81 3.40 10.58
N PRO D 44 8.46 4.49 9.93
CA PRO D 44 7.10 4.90 9.87
C PRO D 44 6.22 3.80 9.29
N PRO D 45 5.03 3.64 9.84
CA PRO D 45 4.17 2.58 9.40
C PRO D 45 3.68 2.69 7.96
N ASP D 46 3.71 3.88 7.36
CA ASP D 46 3.35 4.06 5.98
C ASP D 46 4.52 3.91 4.98
N ILE D 47 5.65 3.25 5.31
CA ILE D 47 6.66 3.15 4.29
C ILE D 47 6.28 2.15 3.22
N THR D 48 6.76 2.38 2.00
CA THR D 48 6.52 1.45 0.96
C THR D 48 7.60 0.43 0.95
N VAL D 49 7.43 -0.55 0.09
CA VAL D 49 8.47 -1.58 -0.10
C VAL D 49 9.74 -0.92 -0.69
N THR D 50 9.55 0.01 -1.63
CA THR D 50 10.71 0.62 -2.26
C THR D 50 11.53 1.45 -1.25
N THR D 51 10.85 2.21 -0.41
CA THR D 51 11.53 3.01 0.61
C THR D 51 12.21 2.11 1.59
N GLY D 52 11.58 0.99 1.96
CA GLY D 52 12.23 0.02 2.82
C GLY D 52 13.53 -0.54 2.24
N GLU D 53 13.52 -0.92 0.97
CA GLU D 53 14.73 -1.41 0.31
C GLU D 53 15.75 -0.30 0.24
N ARG D 54 15.34 0.93 -0.05
CA ARG D 54 16.25 2.09 -0.06
C ARG D 54 16.87 2.32 1.31
N ILE D 55 16.10 2.18 2.37
CA ILE D 55 16.65 2.25 3.70
C ILE D 55 17.65 1.14 3.97
N LYS D 56 17.36 -0.08 3.59
CA LYS D 56 18.36 -1.17 3.81
C LYS D 56 19.67 -0.99 3.04
N LYS D 57 19.58 -0.59 1.82
CA LYS D 57 20.75 -0.26 1.02
C LYS D 57 21.56 0.89 1.62
N GLU D 58 20.90 1.94 2.11
CA GLU D 58 21.58 3.03 2.78
C GLU D 58 22.29 2.48 3.97
N VAL D 59 21.63 1.61 4.73
CA VAL D 59 22.21 1.11 5.99
C VAL D 59 23.45 0.34 5.65
N ASN D 60 23.40 -0.44 4.60
CA ASN D 60 24.52 -1.22 4.16
C ASN D 60 25.70 -0.34 3.75
N GLN D 61 25.42 0.70 2.98
CA GLN D 61 26.41 1.67 2.54
C GLN D 61 27.05 2.36 3.76
N ILE D 62 26.25 2.74 4.74
CA ILE D 62 26.75 3.35 5.96
C ILE D 62 27.77 2.41 6.61
N ILE D 63 27.40 1.15 6.78
CA ILE D 63 28.28 0.24 7.53
C ILE D 63 29.58 -0.02 6.78
N LYS D 64 29.48 -0.24 5.47
CA LYS D 64 30.66 -0.47 4.65
C LYS D 64 31.61 0.72 4.68
N GLU D 65 31.06 1.93 4.72
CA GLU D 65 31.92 3.10 4.82
C GLU D 65 32.58 3.22 6.21
N ILE D 66 31.86 2.92 7.27
CA ILE D 66 32.40 3.08 8.60
C ILE D 66 33.36 1.98 9.02
N VAL D 67 33.03 0.74 8.70
CA VAL D 67 33.84 -0.40 9.11
C VAL D 67 34.85 -0.77 8.00
N ASP D 68 36.14 -0.72 8.34
CA ASP D 68 37.23 -0.93 7.37
C ASP D 68 37.29 -2.38 6.96
N ARG D 69 37.16 -3.25 7.94
CA ARG D 69 37.27 -4.67 7.71
C ARG D 69 36.01 -5.26 7.08
N LYS D 70 36.15 -6.49 6.59
CA LYS D 70 35.05 -7.16 5.90
C LYS D 70 33.85 -7.32 6.83
N SER D 71 32.66 -7.08 6.27
CA SER D 71 31.41 -7.17 7.04
C SER D 71 30.22 -7.78 6.26
N THR D 72 29.29 -8.31 7.03
CA THR D 72 28.01 -8.77 6.54
C THR D 72 26.96 -7.97 7.31
N VAL D 73 25.85 -7.62 6.65
CA VAL D 73 24.85 -6.77 7.25
C VAL D 73 23.46 -7.31 7.00
N LYS D 74 22.71 -7.53 8.06
CA LYS D 74 21.32 -7.99 7.93
C LYS D 74 20.39 -6.95 8.59
N VAL D 75 19.45 -6.40 7.82
CA VAL D 75 18.63 -5.29 8.26
C VAL D 75 17.19 -5.72 8.29
N ARG D 76 16.50 -5.51 9.41
CA ARG D 76 15.03 -5.81 9.54
C ARG D 76 14.29 -4.55 9.92
N LEU D 77 13.17 -4.30 9.24
CA LEU D 77 12.39 -3.09 9.45
C LEU D 77 11.06 -3.44 10.16
N PHE D 78 10.72 -2.65 11.20
CA PHE D 78 9.50 -2.84 11.93
C PHE D 78 8.68 -1.56 11.97
N ALA D 79 7.37 -1.68 11.91
CA ALA D 79 6.49 -0.47 11.96
C ALA D 79 6.55 0.21 13.34
N ALA D 80 6.87 1.51 13.37
CA ALA D 80 6.85 2.27 14.60
C ALA D 80 5.43 2.29 15.09
N GLN D 81 5.24 2.42 16.39
CA GLN D 81 3.92 2.54 16.95
C GLN D 81 3.34 3.90 16.45
N GLU D 82 2.03 3.96 16.34
CA GLU D 82 1.32 5.22 16.01
C GLU D 82 0.82 5.93 17.26
N GLU D 83 1.11 7.20 17.17
CA GLU D 83 0.65 8.19 18.04
C GLU D 83 -0.85 8.33 18.03
N LEU D 84 -1.48 8.47 19.21
CA LEU D 84 -2.87 8.82 19.22
C LEU D 84 -3.04 10.32 18.91
N GLU E 4 16.92 -13.33 41.59
CA GLU E 4 17.51 -12.25 40.75
C GLU E 4 18.88 -12.67 40.15
N ASP E 5 19.55 -13.64 40.79
CA ASP E 5 20.63 -14.39 40.15
C ASP E 5 20.07 -15.15 38.89
N TYR E 6 18.90 -15.79 39.11
CA TYR E 6 17.97 -16.57 38.21
C TYR E 6 17.44 -15.74 37.03
N ILE E 7 16.99 -14.53 37.33
CA ILE E 7 16.38 -13.68 36.32
C ILE E 7 17.27 -13.51 35.11
N GLU E 8 18.58 -13.53 35.29
CA GLU E 8 19.53 -13.48 34.17
C GLU E 8 19.58 -14.75 33.32
N ALA E 9 19.56 -15.92 33.94
CA ALA E 9 19.60 -17.17 33.21
C ALA E 9 18.27 -17.37 32.46
N ILE E 10 17.16 -17.05 33.11
CA ILE E 10 15.85 -17.08 32.43
C ILE E 10 15.85 -16.17 31.20
N ALA E 11 16.26 -14.92 31.36
CA ALA E 11 16.32 -14.01 30.24
C ALA E 11 17.20 -14.57 29.14
N ASN E 12 18.32 -15.19 29.51
CA ASN E 12 19.18 -15.77 28.45
C ASN E 12 18.45 -16.75 27.63
N VAL E 13 17.74 -17.64 28.30
CA VAL E 13 17.07 -18.71 27.58
C VAL E 13 15.97 -18.13 26.69
N LEU E 14 15.17 -17.25 27.28
CA LEU E 14 14.03 -16.67 26.57
C LEU E 14 14.48 -15.93 25.31
N GLU E 15 15.58 -15.19 25.43
CA GLU E 15 16.13 -14.44 24.28
C GLU E 15 16.47 -15.35 23.11
N LYS E 16 16.77 -16.63 23.40
CA LYS E 16 17.13 -17.60 22.37
C LYS E 16 16.01 -18.55 22.03
N THR E 17 14.82 -18.29 22.54
CA THR E 17 13.69 -19.17 22.30
C THR E 17 12.94 -18.60 21.08
N PRO E 18 12.96 -19.34 19.94
CA PRO E 18 12.53 -18.69 18.67
C PRO E 18 11.06 -18.29 18.62
N SER E 19 10.21 -18.92 19.42
CA SER E 19 8.77 -18.53 19.43
C SER E 19 8.48 -17.14 20.09
N ILE E 20 9.49 -16.57 20.75
CA ILE E 20 9.35 -15.37 21.56
C ILE E 20 10.11 -14.26 20.84
N SER E 21 9.43 -13.17 20.53
CA SER E 21 10.08 -12.07 19.83
C SER E 21 11.03 -11.32 20.77
N ASP E 22 10.59 -11.11 22.00
CA ASP E 22 11.38 -10.34 22.95
C ASP E 22 10.79 -10.54 24.32
N VAL E 23 11.60 -10.25 25.32
CA VAL E 23 11.16 -10.18 26.71
C VAL E 23 10.73 -8.78 27.00
N LYS E 24 9.51 -8.62 27.44
CA LYS E 24 9.00 -7.30 27.78
C LYS E 24 9.38 -6.98 29.20
N ASP E 25 9.24 -7.97 30.09
CA ASP E 25 9.55 -7.76 31.50
C ASP E 25 9.59 -9.08 32.25
N ILE E 26 10.49 -9.15 33.22
CA ILE E 26 10.58 -10.26 34.14
C ILE E 26 10.59 -9.69 35.54
N ILE E 27 9.63 -10.11 36.36
CA ILE E 27 9.58 -9.71 37.77
C ILE E 27 9.58 -10.96 38.65
N ALA E 28 10.29 -10.89 39.78
CA ALA E 28 10.36 -12.00 40.73
C ALA E 28 10.19 -11.51 42.14
N ARG E 29 9.39 -12.19 42.94
CA ARG E 29 9.25 -11.87 44.36
C ARG E 29 9.52 -13.13 45.13
N GLU E 30 9.86 -12.94 46.40
CA GLU E 30 10.02 -14.04 47.32
C GLU E 30 8.96 -14.08 48.43
N LEU E 31 7.99 -14.95 48.23
CA LEU E 31 7.11 -15.30 49.29
C LEU E 31 7.84 -16.46 49.94
N GLY E 32 7.66 -16.61 51.24
CA GLY E 32 8.29 -17.77 51.94
C GLY E 32 7.57 -19.07 51.79
N GLN E 33 8.14 -20.05 51.08
CA GLN E 33 9.48 -20.06 50.45
C GLN E 33 9.39 -19.94 48.92
N VAL E 34 8.26 -19.53 48.38
CA VAL E 34 8.02 -19.72 46.97
C VAL E 34 8.57 -18.50 46.25
N LEU E 35 9.27 -18.73 45.14
CA LEU E 35 9.59 -17.65 44.22
C LEU E 35 8.47 -17.48 43.20
N GLU E 36 7.90 -16.28 43.17
CA GLU E 36 6.85 -15.93 42.22
C GLU E 36 7.45 -15.14 41.06
N PHE E 37 7.25 -15.66 39.86
CA PHE E 37 7.69 -14.99 38.65
C PHE E 37 6.50 -14.46 37.88
N GLU E 38 6.62 -13.21 37.43
CA GLU E 38 5.75 -12.63 36.41
C GLU E 38 6.56 -12.33 35.16
N ILE E 39 6.16 -12.92 34.05
CA ILE E 39 6.92 -12.85 32.81
C ILE E 39 6.01 -12.33 31.70
N ASP E 40 6.41 -11.18 31.14
CA ASP E 40 5.72 -10.54 30.02
C ASP E 40 6.56 -10.65 28.81
N LEU E 41 5.96 -11.14 27.73
CA LEU E 41 6.67 -11.37 26.50
C LEU E 41 5.97 -10.75 25.32
N TYR E 42 6.78 -10.37 24.33
CA TYR E 42 6.31 -9.98 23.04
C TYR E 42 6.34 -11.20 22.18
N VAL E 43 5.29 -11.38 21.43
CA VAL E 43 5.21 -12.42 20.47
C VAL E 43 4.63 -11.87 19.16
N PRO E 44 4.74 -12.63 18.05
CA PRO E 44 4.22 -12.17 16.78
C PRO E 44 2.73 -11.91 16.91
N PRO E 45 2.27 -10.79 16.35
CA PRO E 45 0.85 -10.41 16.49
C PRO E 45 -0.17 -11.43 16.03
N ASP E 46 0.22 -12.32 15.13
CA ASP E 46 -0.69 -13.28 14.53
C ASP E 46 -0.74 -14.61 15.28
N ILE E 47 -0.13 -14.73 16.45
CA ILE E 47 -0.10 -16.05 17.04
C ILE E 47 -1.51 -16.48 17.34
N THR E 48 -1.76 -17.78 17.28
CA THR E 48 -3.05 -18.31 17.66
C THR E 48 -3.09 -18.51 19.18
N VAL E 49 -4.29 -18.82 19.67
CA VAL E 49 -4.48 -19.15 21.08
C VAL E 49 -3.68 -20.42 21.48
N THR E 50 -3.65 -21.41 20.58
CA THR E 50 -2.93 -22.63 20.87
C THR E 50 -1.43 -22.36 20.97
N THR E 51 -0.89 -21.61 20.02
CA THR E 51 0.53 -21.27 20.07
C THR E 51 0.87 -20.48 21.35
N GLY E 52 -0.02 -19.55 21.73
CA GLY E 52 0.19 -18.79 22.95
C GLY E 52 0.26 -19.69 24.18
N GLU E 53 -0.63 -20.66 24.26
CA GLU E 53 -0.63 -21.62 25.33
C GLU E 53 0.64 -22.49 25.32
N ARG E 54 1.04 -22.90 24.12
CA ARG E 54 2.30 -23.61 23.95
C ARG E 54 3.48 -22.80 24.46
N ILE E 55 3.52 -21.52 24.12
CA ILE E 55 4.63 -20.66 24.61
C ILE E 55 4.62 -20.57 26.15
N LYS E 56 3.43 -20.45 26.76
CA LYS E 56 3.36 -20.30 28.22
C LYS E 56 3.82 -21.53 28.92
N LYS E 57 3.45 -22.67 28.38
CA LYS E 57 3.96 -23.94 28.87
C LYS E 57 5.47 -24.10 28.73
N GLU E 58 6.04 -23.70 27.59
CA GLU E 58 7.50 -23.71 27.42
C GLU E 58 8.17 -22.81 28.44
N VAL E 59 7.59 -21.63 28.68
CA VAL E 59 8.18 -20.69 29.64
C VAL E 59 8.18 -21.31 31.04
N ASN E 60 7.08 -21.97 31.38
CA ASN E 60 6.90 -22.62 32.66
C ASN E 60 7.98 -23.67 32.85
N GLN E 61 8.19 -24.48 31.82
CA GLN E 61 9.19 -25.54 31.82
C GLN E 61 10.60 -24.94 32.02
N ILE E 62 10.91 -23.87 31.31
CA ILE E 62 12.20 -23.20 31.47
C ILE E 62 12.45 -22.79 32.92
N ILE E 63 11.48 -22.12 33.52
CA ILE E 63 11.68 -21.66 34.87
C ILE E 63 11.86 -22.87 35.81
N LYS E 64 10.95 -23.83 35.75
CA LYS E 64 11.05 -24.98 36.66
C LYS E 64 12.42 -25.62 36.55
N GLU E 65 12.98 -25.66 35.35
CA GLU E 65 14.28 -26.29 35.21
C GLU E 65 15.37 -25.44 35.80
N ILE E 66 15.31 -24.13 35.62
CA ILE E 66 16.40 -23.27 36.09
C ILE E 66 16.38 -23.03 37.59
N VAL E 67 15.20 -22.82 38.15
CA VAL E 67 15.05 -22.52 39.56
C VAL E 67 14.83 -23.79 40.36
N ASP E 68 15.73 -24.05 41.30
CA ASP E 68 15.73 -25.29 42.05
C ASP E 68 14.54 -25.33 43.01
N ARG E 69 14.31 -24.20 43.67
CA ARG E 69 13.27 -24.12 44.68
C ARG E 69 11.87 -23.97 44.08
N LYS E 70 10.86 -24.10 44.94
CA LYS E 70 9.48 -24.03 44.50
C LYS E 70 9.17 -22.66 43.90
N SER E 71 8.43 -22.68 42.78
CA SER E 71 8.07 -21.45 42.08
C SER E 71 6.63 -21.46 41.54
N THR E 72 6.14 -20.26 41.36
CA THR E 72 4.90 -19.99 40.66
C THR E 72 5.35 -19.22 39.41
N VAL E 73 4.56 -19.29 38.35
CA VAL E 73 4.89 -18.56 37.14
C VAL E 73 3.64 -18.01 36.48
N LYS E 74 3.60 -16.71 36.26
CA LYS E 74 2.48 -16.08 35.57
C LYS E 74 3.02 -15.41 34.27
N VAL E 75 2.52 -15.82 33.14
CA VAL E 75 3.04 -15.40 31.85
C VAL E 75 1.96 -14.62 31.12
N ARG E 76 2.29 -13.42 30.64
CA ARG E 76 1.38 -12.62 29.79
C ARG E 76 2.01 -12.32 28.44
N LEU E 77 1.22 -12.44 27.37
CA LEU E 77 1.72 -12.31 26.04
C LEU E 77 1.18 -11.03 25.44
N PHE E 78 2.06 -10.27 24.78
CA PHE E 78 1.67 -9.04 24.09
C PHE E 78 2.12 -9.11 22.62
N ALA E 79 1.38 -8.46 21.73
CA ALA E 79 1.81 -8.34 20.32
C ALA E 79 3.12 -7.56 20.19
N ALA E 80 4.11 -8.14 19.52
CA ALA E 80 5.26 -7.33 18.95
C ALA E 80 4.80 -6.37 17.85
N GLN E 81 5.66 -5.41 17.51
CA GLN E 81 5.51 -4.63 16.27
C GLN E 81 5.65 -5.61 15.09
N GLU E 82 4.87 -5.36 14.07
CA GLU E 82 4.88 -6.15 12.87
C GLU E 82 6.11 -5.80 11.98
N GLU E 83 6.89 -6.80 11.58
CA GLU E 83 7.95 -6.64 10.61
C GLU E 83 7.47 -6.26 9.21
N LEU E 84 8.06 -5.28 8.57
CA LEU E 84 7.69 -4.89 7.24
C LEU E 84 8.62 -5.57 6.21
N GLU F 4 -26.22 11.34 -19.44
CA GLU F 4 -26.81 10.41 -18.45
C GLU F 4 -28.38 10.45 -18.38
N ASP F 5 -29.12 11.22 -19.22
CA ASP F 5 -30.59 11.08 -19.29
C ASP F 5 -30.97 9.70 -19.83
N TYR F 6 -30.25 9.28 -20.87
CA TYR F 6 -30.43 7.97 -21.48
C TYR F 6 -30.11 6.83 -20.51
N ILE F 7 -28.97 6.96 -19.82
CA ILE F 7 -28.56 5.99 -18.81
C ILE F 7 -29.63 5.78 -17.74
N GLU F 8 -30.21 6.86 -17.25
CA GLU F 8 -31.25 6.77 -16.23
C GLU F 8 -32.45 6.00 -16.74
N ALA F 9 -32.90 6.29 -17.96
CA ALA F 9 -34.11 5.66 -18.46
C ALA F 9 -33.82 4.18 -18.74
N ILE F 10 -32.64 3.91 -19.28
CA ILE F 10 -32.20 2.52 -19.46
C ILE F 10 -32.17 1.76 -18.12
N ALA F 11 -31.51 2.32 -17.12
CA ALA F 11 -31.51 1.72 -15.79
C ALA F 11 -32.93 1.51 -15.28
N ASN F 12 -33.81 2.47 -15.47
CA ASN F 12 -35.18 2.34 -14.97
C ASN F 12 -35.86 1.13 -15.59
N VAL F 13 -35.65 0.93 -16.87
CA VAL F 13 -36.29 -0.21 -17.53
C VAL F 13 -35.68 -1.55 -17.08
N LEU F 14 -34.35 -1.59 -17.06
CA LEU F 14 -33.63 -2.81 -16.67
C LEU F 14 -33.99 -3.26 -15.26
N GLU F 15 -34.11 -2.31 -14.34
CA GLU F 15 -34.49 -2.60 -12.94
C GLU F 15 -35.82 -3.34 -12.87
N LYS F 16 -36.68 -3.10 -13.85
CA LYS F 16 -38.01 -3.69 -13.86
C LYS F 16 -38.12 -4.86 -14.80
N THR F 17 -37.03 -5.29 -15.35
CA THR F 17 -37.06 -6.37 -16.34
C THR F 17 -36.82 -7.66 -15.56
N PRO F 18 -37.86 -8.54 -15.49
CA PRO F 18 -37.76 -9.67 -14.53
C PRO F 18 -36.66 -10.69 -14.80
N SER F 19 -36.20 -10.82 -16.03
CA SER F 19 -35.08 -11.76 -16.30
C SER F 19 -33.67 -11.31 -15.75
N ILE F 20 -33.59 -10.09 -15.29
CA ILE F 20 -32.36 -9.47 -14.85
C ILE F 20 -32.42 -9.32 -13.34
N SER F 21 -31.45 -9.88 -12.63
CA SER F 21 -31.45 -9.76 -11.17
C SER F 21 -31.06 -8.35 -10.72
N ASP F 22 -30.10 -7.74 -11.39
CA ASP F 22 -29.63 -6.40 -11.04
C ASP F 22 -28.80 -5.85 -12.17
N VAL F 23 -28.63 -4.54 -12.17
CA VAL F 23 -27.67 -3.88 -13.01
C VAL F 23 -26.36 -3.82 -12.28
N LYS F 24 -25.31 -4.32 -12.90
CA LYS F 24 -23.97 -4.23 -12.31
C LYS F 24 -23.32 -2.91 -12.70
N ASP F 25 -23.45 -2.53 -13.96
CA ASP F 25 -22.84 -1.27 -14.44
C ASP F 25 -23.38 -0.91 -15.84
N ILE F 26 -23.51 0.39 -16.06
CA ILE F 26 -23.85 0.93 -17.36
C ILE F 26 -22.80 1.98 -17.68
N ILE F 27 -22.12 1.81 -18.80
CA ILE F 27 -21.19 2.83 -19.30
C ILE F 27 -21.63 3.27 -20.70
N ALA F 28 -21.48 4.57 -20.99
CA ALA F 28 -21.81 5.14 -22.32
C ALA F 28 -20.69 6.07 -22.77
N ARG F 29 -20.24 5.92 -24.02
CA ARG F 29 -19.21 6.78 -24.58
C ARG F 29 -19.72 7.28 -25.93
N GLU F 30 -19.35 8.49 -26.29
CA GLU F 30 -19.76 9.08 -27.56
C GLU F 30 -18.59 8.95 -28.52
N LEU F 31 -18.74 8.11 -29.55
CA LEU F 31 -17.67 7.88 -30.51
C LEU F 31 -18.11 8.40 -31.88
N GLY F 32 -17.72 9.65 -32.17
CA GLY F 32 -18.27 10.43 -33.28
C GLY F 32 -19.77 10.62 -33.17
N GLN F 33 -20.50 10.21 -34.22
CA GLN F 33 -21.95 10.19 -34.23
C GLN F 33 -22.54 8.85 -33.83
N VAL F 34 -21.83 8.04 -33.04
CA VAL F 34 -22.43 6.87 -32.38
C VAL F 34 -22.30 6.85 -30.86
N LEU F 35 -23.38 6.50 -30.16
CA LEU F 35 -23.32 6.22 -28.73
C LEU F 35 -23.02 4.74 -28.48
N GLU F 36 -21.93 4.49 -27.79
CA GLU F 36 -21.53 3.15 -27.39
C GLU F 36 -21.93 2.87 -25.96
N PHE F 37 -22.72 1.82 -25.78
CA PHE F 37 -23.10 1.38 -24.44
C PHE F 37 -22.42 0.08 -24.10
N GLU F 38 -21.88 0.02 -22.87
CA GLU F 38 -21.45 -1.22 -22.24
C GLU F 38 -22.32 -1.48 -21.01
N ILE F 39 -23.00 -2.61 -21.01
CA ILE F 39 -23.98 -2.91 -20.00
C ILE F 39 -23.59 -4.25 -19.37
N ASP F 40 -23.35 -4.19 -18.06
CA ASP F 40 -23.06 -5.38 -17.24
C ASP F 40 -24.23 -5.66 -16.31
N LEU F 41 -24.68 -6.91 -16.32
CA LEU F 41 -25.84 -7.32 -15.56
C LEU F 41 -25.59 -8.52 -14.75
N TYR F 42 -26.27 -8.60 -13.60
CA TYR F 42 -26.33 -9.82 -12.79
C TYR F 42 -27.57 -10.60 -13.20
N VAL F 43 -27.39 -11.89 -13.35
CA VAL F 43 -28.48 -12.76 -13.68
C VAL F 43 -28.34 -14.00 -12.82
N PRO F 44 -29.41 -14.81 -12.74
CA PRO F 44 -29.36 -16.04 -11.97
C PRO F 44 -28.22 -16.93 -12.44
N PRO F 45 -27.50 -17.52 -11.50
CA PRO F 45 -26.32 -18.32 -11.85
C PRO F 45 -26.55 -19.49 -12.76
N ASP F 46 -27.77 -19.99 -12.79
CA ASP F 46 -28.11 -21.19 -13.58
C ASP F 46 -28.59 -20.87 -14.99
N ILE F 47 -28.53 -19.61 -15.46
CA ILE F 47 -29.15 -19.36 -16.75
C ILE F 47 -28.43 -20.16 -17.81
N THR F 48 -29.15 -20.55 -18.84
CA THR F 48 -28.52 -21.22 -19.96
C THR F 48 -27.96 -20.19 -20.95
N VAL F 49 -27.24 -20.69 -21.95
CA VAL F 49 -26.71 -19.85 -23.01
C VAL F 49 -27.85 -19.18 -23.81
N THR F 50 -28.90 -19.95 -24.07
CA THR F 50 -30.02 -19.45 -24.82
C THR F 50 -30.70 -18.32 -24.06
N THR F 51 -30.93 -18.51 -22.78
CA THR F 51 -31.58 -17.48 -21.97
C THR F 51 -30.70 -16.23 -21.94
N GLY F 52 -29.40 -16.45 -21.83
CA GLY F 52 -28.45 -15.32 -21.81
C GLY F 52 -28.56 -14.53 -23.10
N GLU F 53 -28.66 -15.22 -24.23
CA GLU F 53 -28.80 -14.56 -25.52
C GLU F 53 -30.12 -13.83 -25.65
N ARG F 54 -31.17 -14.45 -25.13
CA ARG F 54 -32.47 -13.80 -25.05
C ARG F 54 -32.40 -12.52 -24.25
N ILE F 55 -31.73 -12.56 -23.11
CA ILE F 55 -31.61 -11.33 -22.30
C ILE F 55 -30.86 -10.25 -23.08
N LYS F 56 -29.80 -10.63 -23.81
CA LYS F 56 -28.98 -9.61 -24.47
C LYS F 56 -29.78 -8.95 -25.56
N LYS F 57 -30.57 -9.73 -26.26
CA LYS F 57 -31.48 -9.28 -27.28
C LYS F 57 -32.51 -8.30 -26.71
N GLU F 58 -33.08 -8.66 -25.56
CA GLU F 58 -34.02 -7.76 -24.88
C GLU F 58 -33.34 -6.45 -24.50
N VAL F 59 -32.12 -6.54 -23.99
CA VAL F 59 -31.40 -5.33 -23.60
C VAL F 59 -31.19 -4.44 -24.83
N ASN F 60 -30.82 -5.06 -25.94
CA ASN F 60 -30.53 -4.36 -27.17
C ASN F 60 -31.77 -3.60 -27.59
N GLN F 61 -32.90 -4.28 -27.54
CA GLN F 61 -34.18 -3.73 -27.95
C GLN F 61 -34.52 -2.53 -27.08
N ILE F 62 -34.32 -2.66 -25.79
CA ILE F 62 -34.56 -1.55 -24.87
C ILE F 62 -33.74 -0.30 -25.25
N ILE F 63 -32.44 -0.49 -25.45
CA ILE F 63 -31.57 0.63 -25.75
C ILE F 63 -31.98 1.28 -27.10
N LYS F 64 -32.20 0.48 -28.13
CA LYS F 64 -32.60 0.99 -29.45
C LYS F 64 -33.91 1.78 -29.40
N GLU F 65 -34.85 1.34 -28.57
CA GLU F 65 -36.10 2.10 -28.48
C GLU F 65 -35.92 3.38 -27.67
N ILE F 66 -35.09 3.40 -26.64
CA ILE F 66 -34.92 4.61 -25.82
C ILE F 66 -34.05 5.67 -26.47
N VAL F 67 -32.94 5.26 -27.08
CA VAL F 67 -32.00 6.23 -27.67
C VAL F 67 -32.29 6.40 -29.18
N ASP F 68 -32.58 7.65 -29.53
CA ASP F 68 -33.08 8.04 -30.84
C ASP F 68 -31.97 8.14 -31.91
N ARG F 69 -30.75 8.37 -31.46
CA ARG F 69 -29.54 8.32 -32.28
C ARG F 69 -28.88 6.91 -32.45
N LYS F 70 -27.99 6.77 -33.44
CA LYS F 70 -27.30 5.50 -33.68
C LYS F 70 -26.50 5.03 -32.44
N SER F 71 -26.58 3.72 -32.15
CA SER F 71 -25.92 3.14 -30.98
C SER F 71 -25.30 1.76 -31.26
N THR F 72 -24.33 1.44 -30.43
CA THR F 72 -23.73 0.13 -30.34
C THR F 72 -23.91 -0.33 -28.89
N VAL F 73 -24.16 -1.62 -28.70
CA VAL F 73 -24.50 -2.12 -27.37
C VAL F 73 -23.70 -3.37 -27.11
N LYS F 74 -22.92 -3.38 -26.02
CA LYS F 74 -22.17 -4.56 -25.62
C LYS F 74 -22.68 -4.97 -24.23
N VAL F 75 -23.19 -6.19 -24.12
CA VAL F 75 -23.81 -6.66 -22.88
C VAL F 75 -22.98 -7.81 -22.34
N ARG F 76 -22.64 -7.75 -21.04
CA ARG F 76 -21.98 -8.86 -20.35
C ARG F 76 -22.81 -9.31 -19.16
N LEU F 77 -22.91 -10.61 -18.99
CA LEU F 77 -23.73 -11.20 -17.96
C LEU F 77 -22.85 -11.79 -16.93
N PHE F 78 -23.20 -11.56 -15.66
CA PHE F 78 -22.48 -12.14 -14.51
C PHE F 78 -23.43 -12.86 -13.56
N ALA F 79 -22.95 -13.90 -12.88
CA ALA F 79 -23.77 -14.62 -11.87
C ALA F 79 -24.12 -13.73 -10.67
N ALA F 80 -25.41 -13.61 -10.37
CA ALA F 80 -25.86 -13.12 -9.04
C ALA F 80 -25.49 -14.09 -7.92
N GLN F 81 -25.56 -13.65 -6.66
CA GLN F 81 -25.45 -14.57 -5.51
C GLN F 81 -26.68 -15.47 -5.54
N GLU F 82 -26.47 -16.71 -5.17
CA GLU F 82 -27.58 -17.67 -5.11
C GLU F 82 -28.42 -17.46 -3.82
N GLU F 83 -29.76 -17.38 -3.97
CA GLU F 83 -30.67 -17.41 -2.85
C GLU F 83 -30.62 -18.73 -2.08
N LEU F 84 -30.60 -18.70 -0.76
CA LEU F 84 -30.64 -19.88 0.01
C LEU F 84 -32.10 -20.11 0.44
#